data_25C8
#
_entry.id   25C8
#
_cell.length_a   112.000
_cell.length_b   80.000
_cell.length_c   64.900
_cell.angle_alpha   90.00
_cell.angle_beta   118.00
_cell.angle_gamma   90.00
#
_symmetry.space_group_name_H-M   'C 1 2 1'
#
loop_
_entity.id
_entity.type
_entity.pdbx_description
1 polymer 'IGG 5C8'
2 polymer 'IGG 5C8'
3 non-polymer 'N-METHYL-N-(PARA-GLUTARAMIDOPHENYL-ETHYL)-PIPERIDINIUM ION'
4 water water
#
loop_
_entity_poly.entity_id
_entity_poly.type
_entity_poly.pdbx_seq_one_letter_code
_entity_poly.pdbx_strand_id
1 'polypeptide(L)'
;DIVLTQSPAIMSASLGERVTMTCTASSSVSSSNLHWYQQKPGSSPKLWIYSTSNLASGVPARFSGSGSGTSYSLTISSME
AEDAATYYCHQYHRSPYTFGGGTKLEIKRADAAPTVSIFPPSSEQLTSGGASVVCFLNNFYPKDINVKWKIDGSERQNGV
LNSWTDQDSKDSTYSMSSTLTLTKDEYERHNSYTCEATHKTSTSPIVKSFNR
;
L
2 'polypeptide(L)'
;EVQLQQSGAELVKPGASVKLSCTASGFNIKDTYMHWVKQKPEQGLEWIAQIDPANGNTKYDPKFQGKATITADTSSNTAY
LHLSSLTSEDSAVYYCAADPPYYGHGDYWGQGTTLTVSSAKTTPPSVYPLAPGSAAQTNSMVTLGCLVKGYFPEPVTVTW
NSGSLSSGVHTFPAVLQSDLYTLSSSVTVPSSTWPSETVTCNVAHPASSTKVDKKIV
;
H
#
# COMPACT_ATOMS: atom_id res chain seq x y z
N ASP A 1 -22.47 17.09 -4.19
CA ASP A 1 -21.57 15.92 -4.13
C ASP A 1 -22.01 14.84 -5.13
N ILE A 2 -21.49 14.93 -6.34
CA ILE A 2 -21.82 13.94 -7.36
C ILE A 2 -20.99 12.69 -7.04
N VAL A 3 -21.66 11.64 -6.61
CA VAL A 3 -20.98 10.40 -6.25
C VAL A 3 -20.70 9.54 -7.47
N LEU A 4 -19.48 9.03 -7.56
CA LEU A 4 -19.08 8.18 -8.67
C LEU A 4 -18.88 6.76 -8.16
N THR A 5 -19.49 5.79 -8.85
CA THR A 5 -19.39 4.39 -8.46
C THR A 5 -18.71 3.57 -9.55
N GLN A 6 -17.64 2.87 -9.20
CA GLN A 6 -16.90 2.07 -10.17
C GLN A 6 -17.12 0.58 -10.01
N SER A 7 -17.36 -0.10 -11.12
CA SER A 7 -17.59 -1.54 -11.14
C SER A 7 -16.72 -2.15 -12.22
N PRO A 8 -16.02 -3.25 -11.91
CA PRO A 8 -15.97 -3.97 -10.63
C PRO A 8 -14.92 -3.37 -9.69
N ALA A 9 -14.95 -3.79 -8.42
CA ALA A 9 -13.98 -3.31 -7.45
C ALA A 9 -12.61 -3.91 -7.74
N ILE A 10 -12.56 -5.23 -7.91
CA ILE A 10 -11.31 -5.89 -8.23
C ILE A 10 -11.60 -6.81 -9.41
N MET A 11 -10.59 -7.14 -10.19
CA MET A 11 -10.79 -8.03 -11.32
C MET A 11 -9.47 -8.55 -11.87
N SER A 12 -9.52 -9.68 -12.57
CA SER A 12 -8.32 -10.29 -13.12
C SER A 12 -8.47 -10.58 -14.61
N ALA A 13 -7.41 -10.31 -15.36
CA ALA A 13 -7.44 -10.53 -16.79
C ALA A 13 -6.19 -11.27 -17.23
N SER A 14 -6.37 -12.42 -17.87
CA SER A 14 -5.23 -13.19 -18.37
C SER A 14 -4.62 -12.34 -19.47
N LEU A 15 -3.34 -12.52 -19.75
CA LEU A 15 -2.69 -11.73 -20.79
C LEU A 15 -3.37 -11.84 -22.16
N GLY A 16 -3.50 -10.70 -22.86
CA GLY A 16 -4.12 -10.69 -24.17
C GLY A 16 -5.63 -10.58 -24.18
N GLU A 17 -6.24 -10.73 -23.01
CA GLU A 17 -7.69 -10.65 -22.85
C GLU A 17 -8.19 -9.22 -22.95
N ARG A 18 -9.45 -9.04 -23.36
CA ARG A 18 -10.04 -7.69 -23.47
C ARG A 18 -10.67 -7.31 -22.12
N VAL A 19 -10.40 -6.08 -21.66
CA VAL A 19 -10.94 -5.63 -20.38
C VAL A 19 -11.82 -4.39 -20.43
N THR A 20 -12.86 -4.37 -19.60
CA THR A 20 -13.76 -3.22 -19.55
C THR A 20 -14.24 -2.94 -18.14
N MET A 21 -14.18 -1.68 -17.73
CA MET A 21 -14.64 -1.28 -16.40
C MET A 21 -15.51 -0.04 -16.55
N THR A 22 -16.45 0.13 -15.63
CA THR A 22 -17.39 1.26 -15.67
C THR A 22 -17.30 2.23 -14.52
N CYS A 23 -17.88 3.41 -14.74
CA CYS A 23 -17.93 4.49 -13.76
C CYS A 23 -19.28 5.19 -13.95
N THR A 24 -20.12 5.16 -12.93
CA THR A 24 -21.41 5.82 -13.03
C THR A 24 -21.54 6.91 -11.96
N ALA A 25 -22.05 8.06 -12.39
CA ALA A 25 -22.24 9.24 -11.54
C ALA A 25 -23.68 9.37 -11.02
N SER A 26 -23.82 9.95 -9.82
CA SER A 26 -25.15 10.14 -9.23
C SER A 26 -26.01 11.08 -10.08
N SER A 27 -25.39 12.10 -10.67
CA SER A 27 -26.09 13.05 -11.55
C SER A 27 -25.24 13.14 -12.82
N SER A 28 -25.79 13.73 -13.87
CA SER A 28 -25.05 13.83 -15.09
C SER A 28 -23.92 14.86 -14.99
N VAL A 29 -22.82 14.60 -15.71
CA VAL A 29 -21.69 15.52 -15.75
C VAL A 29 -21.29 15.64 -17.21
N SER A 30 -20.60 16.72 -17.56
CA SER A 30 -20.14 16.91 -18.93
C SER A 30 -19.08 15.85 -19.24
N SER A 31 -19.14 15.29 -20.45
CA SER A 31 -18.18 14.28 -20.86
C SER A 31 -16.78 14.89 -20.93
N SER A 32 -16.71 16.22 -21.04
CA SER A 32 -15.43 16.91 -21.12
C SER A 32 -14.75 17.02 -19.77
N ASN A 33 -15.54 16.93 -18.70
CA ASN A 33 -15.01 17.07 -17.34
C ASN A 33 -14.87 15.74 -16.64
N LEU A 34 -14.93 14.64 -17.37
CA LEU A 34 -14.76 13.33 -16.76
C LEU A 34 -13.46 12.66 -17.23
N HIS A 35 -12.57 12.36 -16.29
CA HIS A 35 -11.28 11.77 -16.61
C HIS A 35 -10.98 10.49 -15.80
N TRP A 36 -9.98 9.72 -16.26
CA TRP A 36 -9.57 8.49 -15.59
C TRP A 36 -8.09 8.58 -15.21
N TYR A 37 -7.74 8.11 -14.02
CA TYR A 37 -6.35 8.12 -13.57
C TYR A 37 -5.84 6.70 -13.35
N GLN A 38 -4.55 6.50 -13.53
CA GLN A 38 -3.99 5.19 -13.29
C GLN A 38 -3.01 5.34 -12.14
N GLN A 39 -3.04 4.42 -11.18
CA GLN A 39 -2.10 4.52 -10.07
C GLN A 39 -1.53 3.17 -9.71
N LYS A 40 -0.22 3.14 -9.47
CA LYS A 40 0.46 1.91 -9.08
C LYS A 40 0.98 2.18 -7.68
N PRO A 41 1.09 1.14 -6.85
CA PRO A 41 1.58 1.34 -5.49
C PRO A 41 2.89 2.14 -5.37
N GLY A 42 2.87 3.15 -4.50
CA GLY A 42 4.06 3.94 -4.27
C GLY A 42 4.32 5.20 -5.08
N SER A 43 3.50 5.49 -6.08
CA SER A 43 3.69 6.69 -6.89
C SER A 43 2.37 7.42 -7.05
N SER A 44 2.43 8.64 -7.54
CA SER A 44 1.24 9.46 -7.73
C SER A 44 0.27 8.96 -8.82
N PRO A 45 -1.00 9.36 -8.73
CA PRO A 45 -1.97 8.95 -9.75
C PRO A 45 -1.56 9.69 -11.01
N LYS A 46 -1.69 9.04 -12.15
CA LYS A 46 -1.29 9.65 -13.41
C LYS A 46 -2.47 9.67 -14.40
N LEU A 47 -2.67 10.82 -15.05
CA LEU A 47 -3.76 10.96 -16.01
C LEU A 47 -3.66 9.92 -17.13
N TRP A 48 -4.72 9.14 -17.28
CA TRP A 48 -4.76 8.09 -18.30
C TRP A 48 -5.66 8.47 -19.46
N ILE A 49 -6.89 8.87 -19.15
CA ILE A 49 -7.83 9.28 -20.17
C ILE A 49 -8.48 10.58 -19.73
N TYR A 50 -8.44 11.60 -20.58
CA TYR A 50 -9.06 12.88 -20.25
C TYR A 50 -10.28 13.15 -21.13
N SER A 51 -11.25 13.88 -20.59
CA SER A 51 -12.46 14.22 -21.33
C SER A 51 -13.17 13.00 -21.88
N THR A 52 -13.27 11.96 -21.05
CA THR A 52 -13.96 10.72 -21.42
C THR A 52 -13.33 9.73 -22.41
N SER A 53 -12.93 10.20 -23.59
CA SER A 53 -12.39 9.31 -24.60
C SER A 53 -10.99 9.59 -25.14
N ASN A 54 -10.33 10.62 -24.61
CA ASN A 54 -9.00 10.95 -25.09
C ASN A 54 -7.91 10.33 -24.23
N LEU A 55 -6.85 9.87 -24.89
CA LEU A 55 -5.71 9.27 -24.22
C LEU A 55 -4.66 10.32 -23.83
N ALA A 56 -4.13 10.19 -22.61
CA ALA A 56 -3.11 11.13 -22.16
C ALA A 56 -1.75 10.79 -22.81
N SER A 57 -0.83 11.75 -22.82
CA SER A 57 0.48 11.55 -23.43
C SER A 57 1.17 10.26 -22.96
N GLY A 58 1.59 9.44 -23.91
CA GLY A 58 2.28 8.20 -23.55
C GLY A 58 1.41 7.00 -23.26
N VAL A 59 0.10 7.18 -23.18
CA VAL A 59 -0.82 6.06 -22.90
C VAL A 59 -1.00 5.22 -24.16
N PRO A 60 -0.83 3.89 -24.03
CA PRO A 60 -0.98 2.94 -25.14
C PRO A 60 -2.33 2.98 -25.84
N ALA A 61 -2.28 2.84 -27.17
CA ALA A 61 -3.47 2.88 -28.03
C ALA A 61 -4.46 1.74 -27.80
N ARG A 62 -4.10 0.79 -26.96
CA ARG A 62 -5.00 -0.32 -26.66
C ARG A 62 -6.09 0.12 -25.68
N PHE A 63 -5.91 1.29 -25.07
CA PHE A 63 -6.87 1.83 -24.11
C PHE A 63 -7.86 2.75 -24.81
N SER A 64 -9.10 2.76 -24.33
CA SER A 64 -10.12 3.65 -24.88
C SER A 64 -11.08 4.06 -23.78
N GLY A 65 -11.93 5.04 -24.09
CA GLY A 65 -12.89 5.51 -23.12
C GLY A 65 -14.16 5.94 -23.84
N SER A 66 -15.30 5.86 -23.18
CA SER A 66 -16.54 6.25 -23.81
C SER A 66 -17.66 6.54 -22.81
N GLY A 67 -18.63 7.34 -23.24
CA GLY A 67 -19.74 7.67 -22.37
C GLY A 67 -20.18 9.13 -22.39
N SER A 68 -21.21 9.41 -21.60
CA SER A 68 -21.77 10.74 -21.44
C SER A 68 -22.87 10.63 -20.38
N GLY A 69 -23.44 11.74 -19.97
CA GLY A 69 -24.47 11.69 -18.97
C GLY A 69 -23.96 11.17 -17.64
N THR A 70 -24.46 10.01 -17.20
CA THR A 70 -24.06 9.43 -15.92
C THR A 70 -23.31 8.11 -16.05
N SER A 71 -23.09 7.63 -17.27
CA SER A 71 -22.42 6.35 -17.49
C SER A 71 -21.16 6.42 -18.35
N TYR A 72 -20.06 5.88 -17.81
CA TYR A 72 -18.78 5.88 -18.50
C TYR A 72 -18.03 4.56 -18.35
N SER A 73 -17.00 4.38 -19.16
CA SER A 73 -16.21 3.16 -19.10
C SER A 73 -14.81 3.32 -19.69
N LEU A 74 -13.91 2.45 -19.26
CA LEU A 74 -12.51 2.41 -19.74
C LEU A 74 -12.34 1.01 -20.30
N THR A 75 -11.65 0.90 -21.44
CA THR A 75 -11.46 -0.42 -22.06
C THR A 75 -10.04 -0.67 -22.55
N ILE A 76 -9.56 -1.89 -22.38
CA ILE A 76 -8.23 -2.28 -22.86
C ILE A 76 -8.45 -3.37 -23.91
N SER A 77 -8.14 -3.07 -25.17
CA SER A 77 -8.33 -4.06 -26.23
C SER A 77 -7.64 -5.39 -25.92
N SER A 78 -6.40 -5.33 -25.43
CA SER A 78 -5.66 -6.54 -25.09
C SER A 78 -4.80 -6.33 -23.84
N MET A 79 -5.11 -7.09 -22.81
CA MET A 79 -4.41 -7.03 -21.53
C MET A 79 -2.94 -7.37 -21.58
N GLU A 80 -2.12 -6.47 -21.04
CA GLU A 80 -0.67 -6.66 -20.95
C GLU A 80 -0.30 -6.46 -19.47
N ALA A 81 0.78 -7.08 -19.02
CA ALA A 81 1.24 -7.01 -17.63
C ALA A 81 1.35 -5.65 -16.97
N GLU A 82 1.82 -4.65 -17.72
CA GLU A 82 1.97 -3.31 -17.15
C GLU A 82 0.66 -2.51 -17.03
N ASP A 83 -0.44 -3.14 -17.43
CA ASP A 83 -1.77 -2.53 -17.35
C ASP A 83 -2.30 -2.73 -15.93
N ALA A 84 -1.72 -3.71 -15.25
CA ALA A 84 -2.07 -4.05 -13.87
C ALA A 84 -1.89 -2.85 -12.95
N ALA A 85 -2.99 -2.34 -12.40
CA ALA A 85 -2.95 -1.16 -11.54
C ALA A 85 -4.34 -0.86 -11.02
N THR A 86 -4.51 0.31 -10.43
CA THR A 86 -5.80 0.76 -9.93
C THR A 86 -6.18 1.98 -10.77
N TYR A 87 -7.39 1.97 -11.31
CA TYR A 87 -7.89 3.06 -12.15
C TYR A 87 -9.03 3.79 -11.47
N TYR A 88 -8.92 5.11 -11.41
CA TYR A 88 -9.93 5.95 -10.79
C TYR A 88 -10.54 6.90 -11.81
N CYS A 89 -11.86 7.04 -11.79
CA CYS A 89 -12.53 8.00 -12.68
C CYS A 89 -12.70 9.25 -11.81
N HIS A 90 -12.74 10.41 -12.45
CA HIS A 90 -12.82 11.67 -11.71
C HIS A 90 -13.71 12.69 -12.41
N GLN A 91 -14.55 13.36 -11.64
CA GLN A 91 -15.39 14.40 -12.22
C GLN A 91 -14.89 15.77 -11.75
N TYR A 92 -14.55 16.63 -12.71
CA TYR A 92 -14.07 17.97 -12.43
C TYR A 92 -15.11 18.91 -13.00
N HIS A 93 -16.37 18.49 -12.91
CA HIS A 93 -17.52 19.22 -13.43
C HIS A 93 -18.12 20.20 -12.44
N ARG A 94 -18.46 19.73 -11.25
CA ARG A 94 -19.04 20.60 -10.23
C ARG A 94 -18.41 20.25 -8.90
N SER A 95 -18.09 21.25 -8.11
CA SER A 95 -17.49 21.00 -6.80
C SER A 95 -18.55 20.71 -5.76
N PRO A 96 -18.19 19.94 -4.72
CA PRO A 96 -16.83 19.38 -4.57
C PRO A 96 -16.51 18.34 -5.64
N TYR A 97 -15.33 18.45 -6.23
CA TYR A 97 -14.92 17.52 -7.25
C TYR A 97 -14.68 16.18 -6.56
N THR A 98 -15.15 15.10 -7.18
CA THR A 98 -15.02 13.79 -6.56
C THR A 98 -14.31 12.74 -7.42
N PHE A 99 -13.96 11.62 -6.79
CA PHE A 99 -13.30 10.50 -7.46
C PHE A 99 -14.11 9.22 -7.18
N GLY A 100 -13.96 8.22 -8.04
CA GLY A 100 -14.67 6.96 -7.83
C GLY A 100 -13.85 6.13 -6.87
N GLY A 101 -14.42 5.03 -6.38
CA GLY A 101 -13.73 4.15 -5.45
C GLY A 101 -12.58 3.36 -6.07
N GLY A 102 -12.48 3.42 -7.40
CA GLY A 102 -11.42 2.73 -8.12
C GLY A 102 -11.64 1.30 -8.54
N THR A 103 -10.91 0.87 -9.55
CA THR A 103 -10.98 -0.50 -10.04
C THR A 103 -9.55 -1.01 -10.08
N LYS A 104 -9.28 -2.07 -9.32
CA LYS A 104 -7.95 -2.65 -9.26
C LYS A 104 -7.86 -3.76 -10.28
N LEU A 105 -6.96 -3.59 -11.24
CA LEU A 105 -6.76 -4.57 -12.29
C LEU A 105 -5.58 -5.47 -11.94
N GLU A 106 -5.84 -6.77 -11.82
CA GLU A 106 -4.80 -7.73 -11.50
C GLU A 106 -4.56 -8.67 -12.68
N ILE A 107 -3.49 -9.46 -12.60
CA ILE A 107 -3.14 -10.41 -13.66
C ILE A 107 -3.63 -11.82 -13.33
N LYS A 108 -4.34 -12.43 -14.28
CA LYS A 108 -4.82 -13.79 -14.06
C LYS A 108 -3.79 -14.81 -14.53
N ARG A 109 -3.49 -15.75 -13.64
CA ARG A 109 -2.53 -16.81 -13.91
C ARG A 109 -3.10 -18.17 -13.47
N ALA A 110 -2.34 -19.23 -13.71
CA ALA A 110 -2.77 -20.56 -13.34
C ALA A 110 -2.67 -20.71 -11.83
N ASP A 111 -3.73 -21.24 -11.22
CA ASP A 111 -3.75 -21.43 -9.77
C ASP A 111 -2.47 -22.11 -9.28
N ALA A 112 -2.11 -21.86 -8.02
CA ALA A 112 -0.91 -22.45 -7.42
C ALA A 112 -1.06 -22.49 -5.90
N ALA A 113 -0.89 -23.67 -5.33
CA ALA A 113 -1.04 -23.85 -3.88
C ALA A 113 -0.01 -23.10 -3.04
N PRO A 114 -0.38 -22.73 -1.80
CA PRO A 114 0.47 -22.00 -0.86
C PRO A 114 1.55 -22.83 -0.16
N THR A 115 2.78 -22.33 -0.17
CA THR A 115 3.88 -23.01 0.50
C THR A 115 3.93 -22.48 1.93
N VAL A 116 3.38 -23.24 2.86
CA VAL A 116 3.31 -22.88 4.27
C VAL A 116 4.59 -23.19 5.05
N SER A 117 4.82 -22.39 6.09
CA SER A 117 5.99 -22.52 6.96
C SER A 117 5.70 -21.80 8.28
N ILE A 118 5.64 -22.54 9.39
CA ILE A 118 5.38 -21.88 10.67
C ILE A 118 6.69 -21.79 11.46
N PHE A 119 6.75 -20.85 12.39
CA PHE A 119 7.95 -20.63 13.19
C PHE A 119 7.60 -20.29 14.63
N PRO A 120 8.37 -20.81 15.60
CA PRO A 120 8.15 -20.55 17.03
C PRO A 120 8.93 -19.34 17.53
N PRO A 121 8.51 -18.75 18.66
CA PRO A 121 9.20 -17.58 19.23
C PRO A 121 10.68 -17.82 19.53
N SER A 122 11.53 -16.85 19.16
CA SER A 122 12.97 -16.94 19.39
C SER A 122 13.26 -16.70 20.87
N SER A 123 14.26 -17.40 21.42
CA SER A 123 14.61 -17.21 22.83
C SER A 123 14.92 -15.75 23.03
N GLU A 124 15.48 -15.15 21.99
CA GLU A 124 15.80 -13.73 22.01
C GLU A 124 14.50 -13.02 22.36
N GLN A 125 13.43 -13.42 21.68
CA GLN A 125 12.11 -12.84 21.90
C GLN A 125 11.45 -13.35 23.17
N LEU A 126 11.68 -14.61 23.49
CA LEU A 126 11.08 -15.20 24.69
C LEU A 126 11.66 -14.56 25.94
N THR A 127 12.97 -14.31 25.93
CA THR A 127 13.64 -13.70 27.08
C THR A 127 13.24 -12.23 27.23
N SER A 128 12.82 -11.62 26.14
CA SER A 128 12.39 -10.22 26.17
C SER A 128 11.07 -10.13 26.92
N GLY A 129 10.34 -11.25 27.01
CA GLY A 129 9.08 -11.27 27.73
C GLY A 129 7.83 -11.43 26.88
N GLY A 130 7.98 -12.01 25.69
CA GLY A 130 6.84 -12.19 24.82
C GLY A 130 7.01 -13.42 23.96
N ALA A 131 6.00 -13.76 23.18
CA ALA A 131 6.06 -14.93 22.31
C ALA A 131 5.18 -14.74 21.09
N SER A 132 5.81 -14.72 19.93
CA SER A 132 5.11 -14.56 18.67
C SER A 132 5.33 -15.77 17.80
N VAL A 133 4.23 -16.32 17.29
CA VAL A 133 4.31 -17.48 16.42
C VAL A 133 3.98 -16.93 15.05
N VAL A 134 4.81 -17.25 14.08
CA VAL A 134 4.63 -16.73 12.74
C VAL A 134 4.48 -17.85 11.73
N CYS A 135 3.71 -17.59 10.68
CA CYS A 135 3.47 -18.59 9.65
C CYS A 135 3.39 -17.90 8.29
N PHE A 136 4.22 -18.32 7.35
CA PHE A 136 4.23 -17.74 6.03
C PHE A 136 3.48 -18.65 5.09
N LEU A 137 2.77 -18.06 4.12
CA LEU A 137 2.02 -18.81 3.13
C LEU A 137 2.41 -18.09 1.86
N ASN A 138 3.41 -18.61 1.18
CA ASN A 138 3.93 -17.95 0.01
C ASN A 138 3.61 -18.47 -1.39
N ASN A 139 3.69 -17.55 -2.34
CA ASN A 139 3.46 -17.78 -3.75
C ASN A 139 2.28 -18.68 -4.12
N PHE A 140 1.08 -18.10 -4.10
CA PHE A 140 -0.15 -18.82 -4.44
C PHE A 140 -1.08 -17.95 -5.27
N TYR A 141 -2.12 -18.58 -5.81
CA TYR A 141 -3.11 -17.89 -6.63
C TYR A 141 -4.38 -18.72 -6.75
N PRO A 142 -5.56 -18.08 -6.68
CA PRO A 142 -5.82 -16.65 -6.51
C PRO A 142 -5.45 -16.11 -5.14
N LYS A 143 -5.91 -14.89 -4.86
CA LYS A 143 -5.64 -14.20 -3.61
C LYS A 143 -6.45 -14.71 -2.42
N ASP A 144 -7.56 -15.40 -2.71
CA ASP A 144 -8.45 -15.92 -1.68
C ASP A 144 -7.86 -17.01 -0.78
N ILE A 145 -7.80 -16.74 0.53
CA ILE A 145 -7.27 -17.69 1.50
C ILE A 145 -7.64 -17.35 2.95
N ASN A 146 -7.82 -18.37 3.77
CA ASN A 146 -8.19 -18.19 5.18
C ASN A 146 -7.16 -18.88 6.10
N VAL A 147 -6.82 -18.21 7.19
CA VAL A 147 -5.83 -18.74 8.12
C VAL A 147 -6.37 -18.83 9.53
N LYS A 148 -6.14 -19.98 10.17
CA LYS A 148 -6.58 -20.24 11.55
C LYS A 148 -5.45 -20.69 12.48
N TRP A 149 -5.53 -20.27 13.74
CA TRP A 149 -4.55 -20.63 14.75
C TRP A 149 -5.24 -21.50 15.80
N LYS A 150 -4.73 -22.71 15.98
CA LYS A 150 -5.27 -23.67 16.93
C LYS A 150 -4.33 -23.88 18.13
N ILE A 151 -4.53 -23.08 19.17
CA ILE A 151 -3.70 -23.18 20.37
C ILE A 151 -4.30 -24.23 21.31
N ASP A 152 -3.79 -25.45 21.21
CA ASP A 152 -4.24 -26.58 22.03
C ASP A 152 -5.68 -26.97 21.72
N GLY A 153 -5.98 -27.19 20.43
CA GLY A 153 -7.32 -27.58 20.02
C GLY A 153 -8.39 -26.52 20.20
N SER A 154 -8.01 -25.38 20.75
CA SER A 154 -8.95 -24.28 20.98
C SER A 154 -8.53 -23.06 20.16
N GLU A 155 -9.00 -23.00 18.92
CA GLU A 155 -8.68 -21.91 18.02
C GLU A 155 -8.59 -20.56 18.71
N ARG A 156 -7.48 -19.87 18.48
CA ARG A 156 -7.26 -18.56 19.06
C ARG A 156 -7.59 -17.55 17.97
N GLN A 157 -8.55 -16.69 18.26
CA GLN A 157 -8.94 -15.68 17.28
C GLN A 157 -8.23 -14.35 17.51
N ASN A 158 -8.36 -13.80 18.72
CA ASN A 158 -7.74 -12.52 19.03
C ASN A 158 -6.22 -12.58 19.11
N GLY A 159 -5.57 -11.43 18.93
CA GLY A 159 -4.12 -11.36 19.00
C GLY A 159 -3.39 -11.70 17.70
N VAL A 160 -4.15 -12.06 16.67
CA VAL A 160 -3.59 -12.42 15.38
C VAL A 160 -3.65 -11.24 14.41
N LEU A 161 -2.54 -11.00 13.72
CA LEU A 161 -2.44 -9.90 12.76
C LEU A 161 -1.84 -10.42 11.47
N ASN A 162 -2.53 -10.17 10.36
CA ASN A 162 -2.07 -10.61 9.06
C ASN A 162 -1.60 -9.47 8.17
N SER A 163 -0.92 -9.84 7.08
CA SER A 163 -0.38 -8.90 6.12
C SER A 163 -0.22 -9.61 4.80
N TRP A 164 -0.76 -9.04 3.74
CA TRP A 164 -0.68 -9.63 2.41
C TRP A 164 0.20 -8.75 1.57
N THR A 165 0.85 -9.36 0.58
CA THR A 165 1.71 -8.62 -0.33
C THR A 165 0.94 -8.38 -1.61
N ASP A 166 1.44 -7.47 -2.42
CA ASP A 166 0.80 -7.17 -3.69
C ASP A 166 1.13 -8.30 -4.67
N GLN A 167 0.37 -8.38 -5.76
CA GLN A 167 0.61 -9.41 -6.76
C GLN A 167 2.08 -9.37 -7.16
N ASP A 168 2.77 -10.50 -7.01
CA ASP A 168 4.18 -10.57 -7.35
C ASP A 168 4.49 -10.23 -8.80
N SER A 169 5.45 -9.33 -8.97
CA SER A 169 5.90 -8.85 -10.27
C SER A 169 6.42 -9.93 -11.20
N LYS A 170 7.02 -10.99 -10.66
CA LYS A 170 7.56 -12.03 -11.52
C LYS A 170 6.58 -13.16 -11.83
N ASP A 171 6.12 -13.88 -10.81
CA ASP A 171 5.21 -14.99 -11.04
C ASP A 171 3.73 -14.62 -10.90
N SER A 172 3.45 -13.36 -10.59
CA SER A 172 2.07 -12.88 -10.45
C SER A 172 1.27 -13.62 -9.37
N THR A 173 1.96 -14.09 -8.34
CA THR A 173 1.32 -14.80 -7.24
C THR A 173 1.16 -13.89 -6.04
N TYR A 174 0.53 -14.40 -4.99
CA TYR A 174 0.33 -13.63 -3.76
C TYR A 174 1.03 -14.32 -2.61
N SER A 175 1.16 -13.64 -1.49
CA SER A 175 1.79 -14.23 -0.32
C SER A 175 1.17 -13.59 0.91
N MET A 176 1.20 -14.30 2.02
CA MET A 176 0.62 -13.79 3.25
C MET A 176 1.43 -14.22 4.45
N SER A 177 1.32 -13.43 5.52
CA SER A 177 2.03 -13.72 6.74
C SER A 177 1.08 -13.52 7.93
N SER A 178 0.99 -14.53 8.78
CA SER A 178 0.14 -14.46 9.96
C SER A 178 0.99 -14.58 11.20
N THR A 179 0.73 -13.73 12.18
CA THR A 179 1.51 -13.71 13.41
C THR A 179 0.67 -13.76 14.68
N LEU A 180 0.77 -14.87 15.38
CA LEU A 180 0.04 -15.09 16.63
C LEU A 180 0.95 -14.62 17.75
N THR A 181 0.53 -13.60 18.47
CA THR A 181 1.34 -13.05 19.54
C THR A 181 0.72 -13.21 20.93
N LEU A 182 1.26 -14.13 21.72
CA LEU A 182 0.77 -14.36 23.07
C LEU A 182 1.83 -13.79 23.99
N THR A 183 1.64 -13.94 25.30
CA THR A 183 2.63 -13.42 26.23
C THR A 183 3.68 -14.50 26.55
N LYS A 184 4.56 -14.17 27.48
CA LYS A 184 5.62 -15.06 27.90
C LYS A 184 5.09 -16.43 28.28
N ASP A 185 4.34 -16.45 29.36
CA ASP A 185 3.75 -17.67 29.90
C ASP A 185 2.73 -18.34 28.99
N GLU A 186 1.72 -17.57 28.59
CA GLU A 186 0.67 -18.06 27.71
C GLU A 186 1.18 -19.04 26.67
N TYR A 187 2.37 -18.76 26.14
CA TYR A 187 2.97 -19.59 25.10
C TYR A 187 3.55 -20.94 25.53
N GLU A 188 4.32 -20.94 26.61
CA GLU A 188 4.91 -22.19 27.08
C GLU A 188 3.86 -22.96 27.88
N ARG A 189 2.84 -22.24 28.34
CA ARG A 189 1.74 -22.81 29.10
C ARG A 189 0.87 -23.72 28.23
N HIS A 190 1.19 -23.78 26.95
CA HIS A 190 0.49 -24.62 25.98
C HIS A 190 1.63 -25.31 25.24
N ASN A 191 1.33 -26.27 24.36
CA ASN A 191 2.42 -26.92 23.64
C ASN A 191 2.03 -27.38 22.25
N SER A 192 0.78 -27.13 21.88
CA SER A 192 0.30 -27.50 20.54
C SER A 192 -0.02 -26.21 19.79
N TYR A 193 0.84 -25.88 18.81
CA TYR A 193 0.67 -24.67 18.01
C TYR A 193 0.55 -25.03 16.53
N THR A 194 -0.61 -24.72 15.95
CA THR A 194 -0.91 -25.01 14.55
C THR A 194 -1.33 -23.81 13.68
N CYS A 195 -0.94 -23.88 12.42
CA CYS A 195 -1.27 -22.84 11.44
C CYS A 195 -2.01 -23.61 10.35
N GLU A 196 -3.29 -23.31 10.17
CA GLU A 196 -4.04 -24.00 9.15
C GLU A 196 -4.49 -23.09 8.03
N ALA A 197 -4.06 -23.43 6.83
CA ALA A 197 -4.39 -22.65 5.66
C ALA A 197 -5.30 -23.40 4.70
N THR A 198 -6.48 -22.84 4.45
CA THR A 198 -7.42 -23.46 3.52
C THR A 198 -7.47 -22.59 2.27
N HIS A 199 -7.01 -23.17 1.16
CA HIS A 199 -6.96 -22.48 -0.12
C HIS A 199 -7.72 -23.29 -1.17
N LYS A 200 -8.37 -22.58 -2.09
CA LYS A 200 -9.16 -23.20 -3.14
C LYS A 200 -8.39 -24.19 -4.02
N THR A 201 -7.07 -24.22 -3.90
CA THR A 201 -6.26 -25.13 -4.73
C THR A 201 -6.43 -26.58 -4.31
N SER A 202 -6.99 -26.80 -3.12
CA SER A 202 -7.21 -28.15 -2.63
C SER A 202 -8.22 -28.20 -1.51
N THR A 203 -9.08 -29.21 -1.58
CA THR A 203 -10.12 -29.43 -0.58
C THR A 203 -9.44 -29.67 0.76
N SER A 204 -8.46 -30.57 0.75
CA SER A 204 -7.72 -30.92 1.95
C SER A 204 -6.83 -29.74 2.36
N PRO A 205 -7.06 -29.22 3.58
CA PRO A 205 -6.29 -28.09 4.10
C PRO A 205 -4.79 -28.42 4.24
N ILE A 206 -3.98 -27.37 4.37
CA ILE A 206 -2.54 -27.53 4.55
C ILE A 206 -2.26 -27.15 5.99
N VAL A 207 -1.65 -28.07 6.73
CA VAL A 207 -1.36 -27.83 8.12
C VAL A 207 0.11 -27.88 8.48
N LYS A 208 0.47 -27.09 9.49
CA LYS A 208 1.83 -27.01 9.99
C LYS A 208 1.79 -26.70 11.48
N SER A 209 2.60 -27.39 12.26
CA SER A 209 2.64 -27.19 13.70
C SER A 209 3.95 -27.66 14.36
N PHE A 210 4.04 -27.44 15.66
CA PHE A 210 5.21 -27.82 16.45
C PHE A 210 4.79 -27.98 17.91
N ASN A 211 5.63 -28.60 18.73
CA ASN A 211 5.29 -28.80 20.14
C ASN A 211 6.17 -28.05 21.15
N ARG A 212 5.69 -27.98 22.40
CA ARG A 212 6.40 -27.31 23.48
C ARG A 212 6.42 -25.79 23.31
N GLU B 1 11.74 20.89 -17.46
CA GLU B 1 10.66 19.97 -16.98
C GLU B 1 9.63 20.69 -16.13
N VAL B 2 8.39 20.72 -16.61
CA VAL B 2 7.34 21.33 -15.83
C VAL B 2 7.19 20.38 -14.65
N GLN B 3 7.16 20.90 -13.43
CA GLN B 3 6.96 20.02 -12.30
C GLN B 3 6.59 20.69 -11.00
N LEU B 4 5.87 19.93 -10.16
CA LEU B 4 5.40 20.40 -8.87
C LEU B 4 6.22 19.74 -7.77
N GLN B 5 6.89 20.58 -6.98
CA GLN B 5 7.73 20.13 -5.88
C GLN B 5 7.05 20.39 -4.54
N GLN B 6 6.85 19.35 -3.76
CA GLN B 6 6.21 19.47 -2.44
C GLN B 6 7.21 19.35 -1.32
N SER B 7 6.88 19.92 -0.16
CA SER B 7 7.76 19.86 0.99
C SER B 7 7.87 18.42 1.48
N GLY B 8 8.81 18.18 2.40
CA GLY B 8 9.05 16.85 2.92
C GLY B 8 8.04 16.18 3.85
N ALA B 9 8.29 14.91 4.15
CA ALA B 9 7.43 14.11 5.02
C ALA B 9 7.19 14.75 6.38
N GLU B 10 5.97 14.64 6.87
CA GLU B 10 5.61 15.23 8.15
C GLU B 10 5.22 14.20 9.18
N LEU B 11 5.69 14.41 10.41
CA LEU B 11 5.35 13.54 11.52
C LEU B 11 4.91 14.52 12.60
N VAL B 12 3.60 14.58 12.84
CA VAL B 12 3.06 15.51 13.82
C VAL B 12 2.24 14.82 14.88
N LYS B 13 2.11 15.47 16.03
CA LYS B 13 1.34 14.93 17.15
C LYS B 13 -0.08 15.47 17.04
N PRO B 14 -1.08 14.69 17.48
CA PRO B 14 -2.46 15.18 17.38
C PRO B 14 -2.64 16.50 18.13
N GLY B 15 -3.55 17.34 17.65
CA GLY B 15 -3.78 18.61 18.29
C GLY B 15 -2.89 19.69 17.70
N ALA B 16 -1.81 19.27 17.07
CA ALA B 16 -0.88 20.21 16.44
C ALA B 16 -1.38 20.56 15.04
N SER B 17 -0.66 21.45 14.36
CA SER B 17 -1.03 21.84 13.01
C SER B 17 0.20 21.73 12.13
N VAL B 18 0.01 21.73 10.81
CA VAL B 18 1.14 21.61 9.92
C VAL B 18 0.83 22.30 8.61
N LYS B 19 1.81 22.96 8.01
CA LYS B 19 1.63 23.64 6.73
C LYS B 19 2.51 23.00 5.64
N LEU B 20 1.87 22.46 4.60
CA LEU B 20 2.56 21.81 3.49
C LEU B 20 2.74 22.79 2.31
N SER B 21 3.80 22.66 1.55
CA SER B 21 4.01 23.57 0.43
C SER B 21 4.25 22.86 -0.91
N CYS B 22 3.86 23.56 -1.98
CA CYS B 22 3.98 23.03 -3.34
C CYS B 22 4.48 24.13 -4.28
N THR B 23 5.66 23.92 -4.86
CA THR B 23 6.26 24.92 -5.74
C THR B 23 6.29 24.47 -7.20
N ALA B 24 5.70 25.26 -8.07
CA ALA B 24 5.66 24.96 -9.48
C ALA B 24 6.85 25.54 -10.23
N SER B 25 7.34 24.79 -11.20
CA SER B 25 8.43 25.27 -12.03
C SER B 25 8.03 24.87 -13.44
N GLY B 26 8.15 25.79 -14.39
CA GLY B 26 7.77 25.47 -15.75
C GLY B 26 6.53 26.24 -16.19
N PHE B 27 5.83 26.81 -15.22
CA PHE B 27 4.63 27.59 -15.49
C PHE B 27 4.36 28.44 -14.26
N ASN B 28 3.52 29.46 -14.41
CA ASN B 28 3.17 30.32 -13.28
C ASN B 28 1.87 29.80 -12.73
N ILE B 29 1.81 29.61 -11.42
CA ILE B 29 0.59 29.11 -10.82
C ILE B 29 -0.55 30.12 -10.96
N LYS B 30 -0.22 31.37 -11.26
CA LYS B 30 -1.24 32.39 -11.41
C LYS B 30 -2.06 32.18 -12.69
N ASP B 31 -1.57 31.32 -13.58
CA ASP B 31 -2.27 31.08 -14.84
C ASP B 31 -3.12 29.83 -14.86
N THR B 32 -3.25 29.18 -13.72
CA THR B 32 -4.07 27.97 -13.62
C THR B 32 -4.78 27.92 -12.27
N TYR B 33 -5.20 26.73 -11.87
CA TYR B 33 -5.87 26.53 -10.59
C TYR B 33 -5.02 25.54 -9.82
N MET B 34 -4.84 25.77 -8.52
CA MET B 34 -4.05 24.85 -7.70
C MET B 34 -4.91 24.07 -6.70
N HIS B 35 -4.66 22.78 -6.57
CA HIS B 35 -5.44 21.98 -5.64
C HIS B 35 -4.61 21.10 -4.76
N TRP B 36 -5.28 20.55 -3.75
CA TRP B 36 -4.68 19.61 -2.81
C TRP B 36 -5.62 18.41 -2.74
N VAL B 37 -5.07 17.22 -2.93
CA VAL B 37 -5.85 15.98 -2.88
C VAL B 37 -5.25 15.11 -1.79
N LYS B 38 -6.12 14.38 -1.10
CA LYS B 38 -5.71 13.51 0.01
C LYS B 38 -5.96 12.03 -0.27
N GLN B 39 -5.01 11.18 0.14
CA GLN B 39 -5.14 9.75 -0.04
C GLN B 39 -4.75 9.03 1.25
N LYS B 40 -5.74 8.45 1.93
CA LYS B 40 -5.51 7.74 3.18
C LYS B 40 -4.86 6.39 2.88
N PRO B 41 -4.07 5.84 3.83
CA PRO B 41 -3.41 4.55 3.62
C PRO B 41 -4.31 3.50 2.97
N GLU B 42 -3.79 2.86 1.93
CA GLU B 42 -4.53 1.84 1.18
C GLU B 42 -6.01 2.23 0.97
N GLN B 43 -6.23 3.51 0.70
CA GLN B 43 -7.59 4.05 0.47
C GLN B 43 -7.74 4.73 -0.90
N GLY B 44 -8.77 5.58 -1.03
CA GLY B 44 -9.01 6.28 -2.28
C GLY B 44 -8.58 7.74 -2.28
N LEU B 45 -9.00 8.49 -3.29
CA LEU B 45 -8.61 9.89 -3.41
C LEU B 45 -9.72 10.89 -3.06
N GLU B 46 -9.36 11.96 -2.34
CA GLU B 46 -10.31 12.99 -1.95
C GLU B 46 -9.80 14.40 -2.22
N TRP B 47 -10.57 15.17 -2.98
CA TRP B 47 -10.20 16.54 -3.28
C TRP B 47 -10.46 17.37 -2.02
N ILE B 48 -9.51 18.21 -1.62
CA ILE B 48 -9.67 19.02 -0.42
C ILE B 48 -10.07 20.45 -0.69
N ALA B 49 -9.24 21.18 -1.41
CA ALA B 49 -9.54 22.57 -1.72
C ALA B 49 -8.93 22.97 -3.05
N GLN B 50 -9.43 24.08 -3.58
CA GLN B 50 -8.98 24.62 -4.85
C GLN B 50 -8.72 26.12 -4.65
N ILE B 51 -7.74 26.66 -5.37
CA ILE B 51 -7.45 28.10 -5.30
C ILE B 51 -7.02 28.68 -6.63
N ASP B 52 -7.50 29.88 -6.91
CA ASP B 52 -7.15 30.61 -8.12
C ASP B 52 -6.11 31.65 -7.68
N PRO B 53 -4.81 31.37 -7.88
CA PRO B 53 -3.72 32.28 -7.50
C PRO B 53 -3.80 33.70 -8.05
N ALA B 54 -4.62 33.89 -9.09
CA ALA B 54 -4.77 35.20 -9.69
C ALA B 54 -5.61 36.15 -8.84
N ASN B 55 -6.55 35.61 -8.07
CA ASN B 55 -7.36 36.47 -7.22
C ASN B 55 -7.52 35.97 -5.79
N GLY B 56 -6.87 34.87 -5.47
CA GLY B 56 -6.93 34.32 -4.14
C GLY B 56 -8.23 33.63 -3.75
N ASN B 57 -9.12 33.42 -4.73
CA ASN B 57 -10.39 32.76 -4.44
C ASN B 57 -10.22 31.28 -4.22
N THR B 58 -10.95 30.74 -3.26
CA THR B 58 -10.86 29.33 -2.89
C THR B 58 -12.20 28.58 -2.87
N LYS B 59 -12.09 27.26 -2.96
CA LYS B 59 -13.22 26.33 -2.92
C LYS B 59 -12.80 25.21 -1.96
N TYR B 60 -13.71 24.77 -1.11
CA TYR B 60 -13.41 23.71 -0.16
C TYR B 60 -14.49 22.64 -0.14
N ASP B 61 -14.10 21.40 0.10
CA ASP B 61 -15.10 20.37 0.23
C ASP B 61 -15.60 20.59 1.65
N PRO B 62 -16.92 20.77 1.83
CA PRO B 62 -17.50 21.00 3.16
C PRO B 62 -17.03 20.06 4.27
N LYS B 63 -16.57 18.87 3.89
CA LYS B 63 -16.08 17.88 4.86
C LYS B 63 -14.81 18.35 5.56
N PHE B 64 -14.02 19.19 4.89
CA PHE B 64 -12.79 19.73 5.46
C PHE B 64 -13.14 21.14 5.94
N GLN B 65 -14.28 21.19 6.62
CA GLN B 65 -14.84 22.40 7.18
C GLN B 65 -13.86 23.17 8.05
N GLY B 66 -13.29 24.22 7.47
CA GLY B 66 -12.37 25.04 8.24
C GLY B 66 -11.39 24.28 9.13
N LYS B 67 -10.72 23.31 8.53
CA LYS B 67 -9.71 22.54 9.22
C LYS B 67 -8.56 22.65 8.23
N ALA B 68 -8.93 22.85 6.96
CA ALA B 68 -7.98 23.00 5.87
C ALA B 68 -8.09 24.43 5.35
N THR B 69 -6.94 25.06 5.12
CA THR B 69 -6.89 26.43 4.59
C THR B 69 -5.90 26.42 3.45
N ILE B 70 -6.37 26.77 2.25
CA ILE B 70 -5.50 26.81 1.08
C ILE B 70 -5.11 28.25 0.76
N THR B 71 -3.83 28.48 0.46
CA THR B 71 -3.32 29.81 0.11
C THR B 71 -2.29 29.68 -1.02
N ALA B 72 -1.90 30.79 -1.62
CA ALA B 72 -0.93 30.72 -2.71
C ALA B 72 -0.13 32.00 -2.81
N ASP B 73 1.12 31.89 -3.23
CA ASP B 73 1.94 33.08 -3.39
C ASP B 73 2.53 33.09 -4.78
N THR B 74 1.98 33.93 -5.65
CA THR B 74 2.45 34.03 -7.01
C THR B 74 3.94 34.40 -7.10
N SER B 75 4.42 35.19 -6.14
CA SER B 75 5.84 35.60 -6.17
C SER B 75 6.80 34.43 -6.03
N SER B 76 6.46 33.44 -5.23
CA SER B 76 7.33 32.28 -5.08
C SER B 76 6.80 31.12 -5.90
N ASN B 77 5.69 31.34 -6.61
CA ASN B 77 5.10 30.30 -7.44
C ASN B 77 4.79 29.11 -6.56
N THR B 78 4.28 29.39 -5.37
CA THR B 78 4.00 28.33 -4.42
C THR B 78 2.59 28.31 -3.86
N ALA B 79 2.05 27.11 -3.69
CA ALA B 79 0.71 26.90 -3.12
C ALA B 79 0.89 26.17 -1.77
N TYR B 80 0.04 26.49 -0.80
CA TYR B 80 0.13 25.88 0.52
C TYR B 80 -1.15 25.21 1.01
N LEU B 81 -0.97 24.29 1.94
CA LEU B 81 -2.10 23.60 2.56
C LEU B 81 -1.85 23.61 4.06
N HIS B 82 -2.70 24.31 4.80
CA HIS B 82 -2.59 24.38 6.24
C HIS B 82 -3.68 23.51 6.87
N LEU B 83 -3.28 22.63 7.78
CA LEU B 83 -4.22 21.72 8.44
C LEU B 83 -4.13 21.89 9.96
N SER B 84 -5.25 22.24 10.59
CA SER B 84 -5.29 22.44 12.03
C SER B 84 -5.96 21.29 12.79
N SER B 85 -5.78 21.29 14.12
CA SER B 85 -6.36 20.27 14.99
C SER B 85 -6.14 18.88 14.42
N LEU B 86 -4.89 18.54 14.17
CA LEU B 86 -4.56 17.26 13.58
C LEU B 86 -4.98 16.05 14.42
N THR B 87 -5.64 15.12 13.74
CA THR B 87 -6.09 13.87 14.35
C THR B 87 -5.54 12.74 13.45
N SER B 88 -5.75 11.50 13.84
CA SER B 88 -5.24 10.38 13.06
C SER B 88 -5.94 10.21 11.70
N GLU B 89 -7.17 10.70 11.58
CA GLU B 89 -7.90 10.58 10.33
C GLU B 89 -7.25 11.49 9.30
N ASP B 90 -6.33 12.32 9.78
CA ASP B 90 -5.59 13.27 8.95
C ASP B 90 -4.31 12.65 8.38
N SER B 91 -3.87 11.52 8.93
CA SER B 91 -2.67 10.85 8.42
C SER B 91 -2.97 10.41 6.99
N ALA B 92 -2.07 10.73 6.06
CA ALA B 92 -2.27 10.37 4.68
C ALA B 92 -1.20 11.00 3.80
N VAL B 93 -1.33 10.78 2.50
CA VAL B 93 -0.42 11.34 1.50
C VAL B 93 -1.16 12.52 0.89
N TYR B 94 -0.53 13.69 0.87
CA TYR B 94 -1.17 14.84 0.30
C TYR B 94 -0.51 15.23 -1.00
N TYR B 95 -1.32 15.33 -2.06
CA TYR B 95 -0.81 15.70 -3.36
C TYR B 95 -1.32 17.07 -3.76
N CYS B 96 -0.45 17.89 -4.34
CA CYS B 96 -0.91 19.18 -4.84
C CYS B 96 -0.98 18.85 -6.35
N ALA B 97 -1.96 19.44 -7.02
CA ALA B 97 -2.15 19.18 -8.44
C ALA B 97 -2.53 20.45 -9.14
N ALA B 98 -2.05 20.61 -10.36
CA ALA B 98 -2.36 21.77 -11.17
C ALA B 98 -3.24 21.36 -12.35
N ASP B 99 -4.19 22.21 -12.71
CA ASP B 99 -5.04 21.97 -13.86
C ASP B 99 -4.04 22.15 -15.00
N PRO B 100 -4.25 21.50 -16.15
CA PRO B 100 -3.30 21.67 -17.26
C PRO B 100 -2.86 23.14 -17.48
N PRO B 101 -1.57 23.43 -17.28
CA PRO B 101 -1.10 24.81 -17.47
C PRO B 101 -0.98 25.26 -18.93
N TYR B 102 -0.76 24.30 -19.83
CA TYR B 102 -0.60 24.54 -21.26
C TYR B 102 -1.49 23.68 -22.13
N TYR B 103 -1.85 24.23 -23.29
CA TYR B 103 -2.67 23.53 -24.28
C TYR B 103 -1.78 22.44 -24.86
N GLY B 104 -2.28 21.21 -24.88
CA GLY B 104 -1.48 20.14 -25.41
C GLY B 104 -1.07 19.16 -24.33
N HIS B 105 -1.26 19.52 -23.07
CA HIS B 105 -0.91 18.55 -22.04
C HIS B 105 -1.87 18.41 -20.88
N GLY B 106 -1.69 17.32 -20.15
CA GLY B 106 -2.52 17.00 -19.02
C GLY B 106 -2.19 17.80 -17.79
N ASP B 107 -2.68 17.32 -16.65
CA ASP B 107 -2.45 18.00 -15.40
C ASP B 107 -1.12 17.63 -14.76
N TYR B 108 -0.85 18.28 -13.63
CA TYR B 108 0.39 18.05 -12.91
C TYR B 108 0.15 17.75 -11.44
N TRP B 109 0.78 16.68 -10.98
CA TRP B 109 0.66 16.24 -9.59
C TRP B 109 2.05 16.21 -8.95
N GLY B 110 2.11 16.58 -7.67
CA GLY B 110 3.37 16.56 -6.94
C GLY B 110 3.77 15.14 -6.60
N GLN B 111 4.94 14.97 -6.00
CA GLN B 111 5.43 13.64 -5.63
C GLN B 111 4.64 13.10 -4.45
N GLY B 112 3.91 13.98 -3.78
CA GLY B 112 3.13 13.59 -2.63
C GLY B 112 3.88 13.89 -1.35
N THR B 113 3.16 14.27 -0.31
CA THR B 113 3.77 14.53 0.99
C THR B 113 3.05 13.66 1.99
N THR B 114 3.79 12.77 2.64
CA THR B 114 3.21 11.86 3.62
C THR B 114 3.14 12.52 4.99
N LEU B 115 1.94 12.53 5.56
CA LEU B 115 1.73 13.11 6.88
C LEU B 115 1.26 12.00 7.80
N THR B 116 1.96 11.85 8.92
CA THR B 116 1.61 10.84 9.90
C THR B 116 1.30 11.55 11.22
N VAL B 117 0.10 11.37 11.73
CA VAL B 117 -0.31 11.97 13.01
C VAL B 117 -0.41 10.82 14.02
N SER B 118 0.48 10.84 15.01
CA SER B 118 0.53 9.81 16.05
C SER B 118 1.07 10.41 17.34
N SER B 119 0.68 9.84 18.48
CA SER B 119 1.17 10.33 19.75
C SER B 119 2.43 9.56 20.14
N ALA B 120 2.60 8.40 19.50
CA ALA B 120 3.74 7.52 19.74
C ALA B 120 5.10 8.21 19.72
N LYS B 121 6.03 7.66 20.51
CA LYS B 121 7.39 8.16 20.61
C LYS B 121 8.24 7.33 19.66
N THR B 122 9.45 7.80 19.40
CA THR B 122 10.38 7.11 18.54
C THR B 122 10.82 5.86 19.28
N THR B 123 10.61 4.70 18.66
CA THR B 123 10.98 3.42 19.26
C THR B 123 11.69 2.54 18.24
N PRO B 124 12.80 1.91 18.64
CA PRO B 124 13.55 1.04 17.72
C PRO B 124 12.88 -0.33 17.54
N PRO B 125 12.98 -0.92 16.34
CA PRO B 125 12.36 -2.22 16.10
C PRO B 125 13.21 -3.30 16.73
N SER B 126 12.55 -4.36 17.20
CA SER B 126 13.22 -5.51 17.79
C SER B 126 13.16 -6.55 16.69
N VAL B 127 14.32 -7.04 16.27
CA VAL B 127 14.41 -8.01 15.19
C VAL B 127 14.68 -9.42 15.70
N TYR B 128 13.84 -10.36 15.29
CA TYR B 128 13.98 -11.75 15.69
C TYR B 128 14.13 -12.64 14.47
N PRO B 129 14.95 -13.69 14.58
CA PRO B 129 15.16 -14.61 13.46
C PRO B 129 14.11 -15.72 13.39
N LEU B 130 13.74 -16.07 12.16
CA LEU B 130 12.76 -17.13 11.94
C LEU B 130 13.38 -18.25 11.14
N ALA B 131 13.73 -19.34 11.82
CA ALA B 131 14.34 -20.51 11.18
C ALA B 131 13.55 -21.77 11.56
N PRO B 132 13.58 -22.81 10.69
CA PRO B 132 12.88 -24.08 10.90
C PRO B 132 13.17 -24.75 12.24
N GLY B 133 12.16 -25.37 12.84
CA GLY B 133 12.33 -26.02 14.13
C GLY B 133 12.90 -27.43 14.11
N SER B 134 13.96 -27.63 14.90
CA SER B 134 14.62 -28.94 15.02
C SER B 134 14.55 -29.72 13.70
N ALA B 135 13.50 -30.52 13.56
CA ALA B 135 13.31 -31.31 12.35
C ALA B 135 13.20 -30.41 11.12
N ALA B 136 13.11 -31.02 9.95
CA ALA B 136 13.00 -30.26 8.71
C ALA B 136 12.68 -31.20 7.56
N GLN B 137 11.79 -30.75 6.67
CA GLN B 137 11.41 -31.56 5.52
C GLN B 137 10.84 -30.72 4.37
N THR B 138 11.59 -30.67 3.28
CA THR B 138 11.19 -29.93 2.09
C THR B 138 12.02 -30.40 0.91
N ASN B 139 13.30 -30.64 1.16
CA ASN B 139 14.23 -31.11 0.13
C ASN B 139 14.44 -30.09 -0.98
N SER B 140 15.69 -29.95 -1.40
CA SER B 140 16.07 -29.02 -2.46
C SER B 140 15.97 -27.55 -2.08
N MET B 141 14.97 -27.20 -1.28
CA MET B 141 14.79 -25.79 -0.88
C MET B 141 14.29 -25.60 0.56
N VAL B 142 14.58 -24.43 1.12
CA VAL B 142 14.19 -24.06 2.48
C VAL B 142 13.81 -22.58 2.62
N THR B 143 12.89 -22.28 3.54
CA THR B 143 12.42 -20.91 3.75
C THR B 143 12.72 -20.39 5.16
N LEU B 144 13.29 -19.18 5.22
CA LEU B 144 13.64 -18.55 6.49
C LEU B 144 13.02 -17.16 6.59
N GLY B 145 12.82 -16.68 7.81
CA GLY B 145 12.21 -15.36 7.97
C GLY B 145 12.81 -14.47 9.03
N CYS B 146 12.18 -13.30 9.20
CA CYS B 146 12.63 -12.32 10.16
C CYS B 146 11.42 -11.58 10.69
N LEU B 147 11.39 -11.36 12.00
CA LEU B 147 10.28 -10.64 12.64
C LEU B 147 10.73 -9.27 13.18
N VAL B 148 10.21 -8.20 12.59
CA VAL B 148 10.54 -6.83 13.02
C VAL B 148 9.33 -6.30 13.79
N LYS B 149 9.46 -6.19 15.11
CA LYS B 149 8.33 -5.80 15.93
C LYS B 149 8.46 -4.61 16.88
N GLY B 150 7.35 -3.88 17.03
CA GLY B 150 7.26 -2.75 17.94
C GLY B 150 8.09 -1.53 17.65
N TYR B 151 8.03 -1.05 16.42
CA TYR B 151 8.80 0.13 16.01
C TYR B 151 7.95 1.31 15.54
N PHE B 152 8.51 2.52 15.73
CA PHE B 152 7.88 3.76 15.32
C PHE B 152 8.94 4.84 15.19
N PRO B 153 8.85 5.66 14.13
CA PRO B 153 7.82 5.61 13.09
C PRO B 153 8.34 4.81 11.91
N GLU B 154 7.54 4.75 10.85
CA GLU B 154 7.97 4.03 9.66
C GLU B 154 9.14 4.82 9.05
N PRO B 155 9.97 4.15 8.26
CA PRO B 155 9.87 2.72 7.94
C PRO B 155 11.08 1.99 8.51
N VAL B 156 11.20 0.71 8.15
CA VAL B 156 12.33 -0.10 8.54
C VAL B 156 12.85 -0.63 7.21
N THR B 157 14.14 -0.92 7.14
CA THR B 157 14.70 -1.42 5.90
C THR B 157 15.22 -2.82 6.07
N VAL B 158 14.59 -3.76 5.39
CA VAL B 158 15.01 -5.14 5.46
C VAL B 158 15.57 -5.63 4.13
N THR B 159 16.72 -6.29 4.22
CA THR B 159 17.40 -6.86 3.08
C THR B 159 18.05 -8.13 3.59
N TRP B 160 18.29 -9.07 2.69
CA TRP B 160 18.93 -10.33 3.08
C TRP B 160 20.33 -10.37 2.49
N ASN B 161 21.33 -10.30 3.37
CA ASN B 161 22.72 -10.30 2.96
C ASN B 161 23.02 -9.12 2.03
N SER B 162 22.78 -7.92 2.51
CA SER B 162 23.02 -6.69 1.76
C SER B 162 22.66 -6.78 0.28
N GLY B 163 21.39 -7.03 -0.01
CA GLY B 163 20.95 -7.12 -1.39
C GLY B 163 21.44 -8.35 -2.14
N SER B 164 22.14 -9.25 -1.45
CA SER B 164 22.63 -10.47 -2.07
C SER B 164 21.44 -11.30 -2.56
N LEU B 165 20.47 -11.48 -1.67
CA LEU B 165 19.27 -12.23 -1.99
C LEU B 165 18.17 -11.27 -2.44
N SER B 166 17.92 -11.25 -3.74
CA SER B 166 16.89 -10.37 -4.30
C SER B 166 15.87 -11.21 -5.06
N SER B 167 15.84 -12.50 -4.76
CA SER B 167 14.90 -13.43 -5.38
C SER B 167 14.33 -14.35 -4.30
N GLY B 168 13.05 -14.68 -4.43
CA GLY B 168 12.42 -15.53 -3.44
C GLY B 168 12.33 -14.85 -2.08
N VAL B 169 12.20 -13.53 -2.11
CA VAL B 169 12.08 -12.74 -0.87
C VAL B 169 10.69 -12.16 -0.71
N HIS B 170 10.16 -12.25 0.50
CA HIS B 170 8.84 -11.73 0.81
C HIS B 170 8.84 -10.91 2.09
N THR B 171 8.90 -9.60 1.93
CA THR B 171 8.87 -8.69 3.07
C THR B 171 7.45 -8.14 3.06
N PHE B 172 6.71 -8.47 4.10
CA PHE B 172 5.32 -8.08 4.21
C PHE B 172 5.06 -6.67 4.75
N PRO B 173 3.96 -6.05 4.29
CA PRO B 173 3.60 -4.71 4.73
C PRO B 173 3.41 -4.64 6.25
N ALA B 174 4.04 -3.67 6.91
CA ALA B 174 3.94 -3.53 8.34
C ALA B 174 2.50 -3.39 8.82
N VAL B 175 2.27 -3.61 10.11
CA VAL B 175 0.94 -3.47 10.69
C VAL B 175 0.98 -2.69 12.00
N LEU B 176 -0.01 -1.83 12.21
CA LEU B 176 -0.07 -1.02 13.41
C LEU B 176 -0.84 -1.71 14.52
N GLN B 177 -0.15 -2.04 15.60
CA GLN B 177 -0.80 -2.67 16.74
C GLN B 177 -0.60 -1.82 17.98
N SER B 178 -1.56 -0.93 18.21
CA SER B 178 -1.53 -0.03 19.36
C SER B 178 -0.41 1.02 19.23
N ASP B 179 -0.48 1.82 18.17
CA ASP B 179 0.50 2.89 17.94
C ASP B 179 1.89 2.44 17.47
N LEU B 180 2.18 1.15 17.52
CA LEU B 180 3.47 0.64 17.08
C LEU B 180 3.34 -0.27 15.85
N TYR B 181 4.38 -0.30 15.02
CA TYR B 181 4.36 -1.13 13.81
C TYR B 181 5.11 -2.43 14.03
N THR B 182 4.74 -3.43 13.26
CA THR B 182 5.37 -4.75 13.32
C THR B 182 5.31 -5.32 11.91
N LEU B 183 6.39 -5.93 11.48
CA LEU B 183 6.45 -6.51 10.15
C LEU B 183 7.35 -7.75 10.16
N SER B 184 7.28 -8.56 9.11
CA SER B 184 8.12 -9.74 9.02
C SER B 184 8.55 -9.97 7.58
N SER B 185 9.67 -10.68 7.43
CA SER B 185 10.21 -10.96 6.11
C SER B 185 10.67 -12.42 6.02
N SER B 186 10.57 -12.97 4.82
CA SER B 186 10.96 -14.35 4.56
C SER B 186 11.72 -14.41 3.25
N VAL B 187 12.59 -15.40 3.13
CA VAL B 187 13.37 -15.60 1.91
C VAL B 187 13.60 -17.09 1.74
N THR B 188 13.66 -17.53 0.48
CA THR B 188 13.89 -18.94 0.17
C THR B 188 15.15 -19.17 -0.68
N VAL B 189 15.96 -20.13 -0.23
CA VAL B 189 17.21 -20.47 -0.89
C VAL B 189 17.39 -21.98 -0.99
N PRO B 190 18.12 -22.46 -2.01
CA PRO B 190 18.34 -23.91 -2.14
C PRO B 190 19.09 -24.41 -0.91
N SER B 191 18.72 -25.59 -0.41
CA SER B 191 19.38 -26.13 0.77
C SER B 191 20.87 -26.43 0.54
N SER B 192 21.41 -25.95 -0.59
CA SER B 192 22.82 -26.14 -0.95
C SER B 192 23.64 -24.90 -0.55
N THR B 193 22.97 -23.76 -0.39
CA THR B 193 23.62 -22.51 0.01
C THR B 193 23.43 -22.32 1.53
N TRP B 194 22.59 -23.17 2.15
CA TRP B 194 22.31 -23.11 3.60
C TRP B 194 22.03 -24.53 4.11
N PRO B 195 22.45 -24.83 5.35
CA PRO B 195 23.15 -23.99 6.34
C PRO B 195 24.68 -23.88 6.25
N SER B 196 25.26 -23.95 5.06
CA SER B 196 26.71 -23.85 4.92
C SER B 196 27.15 -22.42 4.67
N GLU B 197 26.40 -21.71 3.83
CA GLU B 197 26.68 -20.32 3.54
C GLU B 197 25.70 -19.49 4.36
N THR B 198 26.23 -18.51 5.10
CA THR B 198 25.41 -17.66 5.95
C THR B 198 24.36 -16.81 5.24
N VAL B 199 23.18 -16.75 5.83
CA VAL B 199 22.08 -15.96 5.30
C VAL B 199 21.74 -14.94 6.39
N THR B 200 21.98 -13.66 6.08
CA THR B 200 21.75 -12.60 7.05
C THR B 200 20.55 -11.70 6.78
N CYS B 201 19.96 -11.23 7.88
CA CYS B 201 18.81 -10.35 7.86
C CYS B 201 19.26 -9.00 8.38
N ASN B 202 19.10 -7.98 7.54
CA ASN B 202 19.51 -6.64 7.92
C ASN B 202 18.35 -5.65 7.96
N VAL B 203 17.96 -5.31 9.19
CA VAL B 203 16.87 -4.37 9.42
C VAL B 203 17.41 -3.09 10.02
N ALA B 204 17.08 -1.98 9.39
CA ALA B 204 17.54 -0.68 9.86
C ALA B 204 16.38 0.28 10.04
N HIS B 205 16.37 0.98 11.16
CA HIS B 205 15.33 1.94 11.41
C HIS B 205 15.89 3.35 11.21
N PRO B 206 15.42 4.06 10.17
CA PRO B 206 15.85 5.42 9.84
C PRO B 206 15.63 6.44 10.98
N ALA B 207 14.51 6.33 11.67
CA ALA B 207 14.19 7.26 12.74
C ALA B 207 15.02 7.11 14.01
N SER B 208 14.97 5.93 14.64
CA SER B 208 15.72 5.73 15.87
C SER B 208 17.20 5.50 15.60
N SER B 209 17.56 5.54 14.31
CA SER B 209 18.94 5.34 13.90
C SER B 209 19.51 4.01 14.41
N THR B 210 18.73 2.94 14.25
CA THR B 210 19.17 1.62 14.67
C THR B 210 19.49 0.79 13.43
N LYS B 211 20.56 0.02 13.53
CA LYS B 211 20.97 -0.84 12.44
C LYS B 211 21.30 -2.17 13.08
N VAL B 212 20.47 -3.18 12.82
CA VAL B 212 20.69 -4.50 13.39
C VAL B 212 20.67 -5.60 12.33
N ASP B 213 21.56 -6.57 12.51
CA ASP B 213 21.69 -7.69 11.59
C ASP B 213 21.34 -8.97 12.33
N LYS B 214 20.43 -9.76 11.77
CA LYS B 214 20.04 -11.01 12.40
C LYS B 214 20.46 -12.20 11.54
N LYS B 215 21.41 -12.97 12.07
CA LYS B 215 21.92 -14.14 11.38
C LYS B 215 21.00 -15.32 11.59
N ILE B 216 20.51 -15.88 10.48
CA ILE B 216 19.62 -17.04 10.53
C ILE B 216 20.48 -18.29 10.67
N VAL B 217 20.28 -19.01 11.78
CA VAL B 217 21.04 -20.22 12.08
C VAL B 217 20.24 -21.52 12.18
#